data_6W3X
#
_entry.id   6W3X
#
_cell.length_a   42.570
_cell.length_b   137.540
_cell.length_c   49.100
_cell.angle_alpha   90.000
_cell.angle_beta   94.490
_cell.angle_gamma   90.000
#
_symmetry.space_group_name_H-M   'P 1 21 1'
#
loop_
_entity.id
_entity.type
_entity.pdbx_description
1 polymer 'Methyl-accepting chemotaxis protein'
2 non-polymer VALINE
3 non-polymer GLYCEROL
4 non-polymer 'SULFATE ION'
5 water water
#
_entity_poly.entity_id   1
_entity_poly.type   'polypeptide(L)'
_entity_poly.pdbx_seq_one_letter_code
;GIDPFTKTSLYESTLKNQTDLLKVTQSTVEDFRSTNQSFTRALEKDIANLPYQSLITEENIINNVGPILKYYRHSINALN
VYLGLNNGKVLLSQKSNDAKMPELRDDLDIKTKDWYQEALKTNDIFVTPAYLDTVLKQYVITYSKAIYKDGKIIGVLGVD
IPSEDLQNLVAKTPGNTFLFDQKNKIFAATNKELLNPSIDHSPVLNAYKLNGDNNFFSYKLNNEERLGACTKVFAYTACI
TESADIINKPIYKA
;
_entity_poly.pdbx_strand_id   A,B
#
# COMPACT_ATOMS: atom_id res chain seq x y z
N GLY A 1 26.83 28.73 6.97
CA GLY A 1 28.15 29.09 7.58
C GLY A 1 29.30 29.20 6.59
N ILE A 2 30.09 30.27 6.75
CA ILE A 2 31.16 30.57 5.81
C ILE A 2 32.21 29.44 5.76
N ASP A 3 32.60 28.80 6.88
CA ASP A 3 33.74 27.88 6.79
C ASP A 3 33.38 26.73 5.83
N PRO A 4 34.26 26.45 4.84
CA PRO A 4 33.93 25.41 3.89
C PRO A 4 33.62 24.07 4.49
N PHE A 5 34.25 23.75 5.63
CA PHE A 5 33.94 22.52 6.32
C PHE A 5 32.48 22.48 6.74
N THR A 6 31.99 23.60 7.28
CA THR A 6 30.63 23.65 7.74
C THR A 6 29.64 23.62 6.56
N LYS A 7 29.96 24.34 5.49
CA LYS A 7 29.08 24.35 4.36
C LYS A 7 28.98 22.94 3.76
N THR A 8 30.10 22.26 3.64
CA THR A 8 30.09 20.89 3.13
C THR A 8 29.27 19.99 4.03
N SER A 9 29.36 20.13 5.36
CA SER A 9 28.56 19.31 6.24
C SER A 9 27.04 19.55 6.02
N LEU A 10 26.66 20.80 5.81
CA LEU A 10 25.26 21.15 5.55
C LEU A 10 24.82 20.58 4.20
N TYR A 11 25.67 20.71 3.21
CA TYR A 11 25.33 20.21 1.88
C TYR A 11 25.17 18.69 1.88
N GLU A 12 26.07 17.99 2.54
CA GLU A 12 26.00 16.52 2.53
C GLU A 12 24.78 16.05 3.32
N SER A 13 24.46 16.71 4.43
CA SER A 13 23.27 16.37 5.20
C SER A 13 22.02 16.54 4.33
N THR A 14 21.88 17.74 3.72
CA THR A 14 20.64 18.01 3.03
C THR A 14 20.48 17.12 1.79
N LEU A 15 21.59 16.83 1.13
CA LEU A 15 21.58 15.90 0.02
C LEU A 15 21.01 14.56 0.45
N LYS A 16 21.51 14.01 1.54
CA LYS A 16 21.00 12.76 2.06
C LYS A 16 19.50 12.85 2.37
N ASN A 17 19.11 13.91 3.06
N ASN A 17 19.04 13.90 3.03
CA ASN A 17 17.73 14.10 3.47
CA ASN A 17 17.62 13.91 3.41
C ASN A 17 16.83 14.05 2.22
C ASN A 17 16.72 14.09 2.21
N GLN A 18 17.13 14.93 1.25
CA GLN A 18 16.32 15.11 0.09
C GLN A 18 16.31 13.87 -0.80
N THR A 19 17.44 13.20 -0.89
CA THR A 19 17.51 11.92 -1.60
C THR A 19 16.58 10.90 -0.93
N ASP A 20 16.59 10.78 0.39
CA ASP A 20 15.67 9.90 1.12
C ASP A 20 14.23 10.21 0.75
N LEU A 21 13.89 11.48 0.77
CA LEU A 21 12.48 11.85 0.52
C LEU A 21 12.09 11.62 -0.94
N LEU A 22 13.00 11.85 -1.86
CA LEU A 22 12.72 11.53 -3.23
C LEU A 22 12.42 10.03 -3.35
N LYS A 23 13.24 9.22 -2.68
N LYS A 23 13.23 9.18 -2.74
CA LYS A 23 13.07 7.77 -2.69
CA LYS A 23 12.99 7.75 -2.84
C LYS A 23 11.67 7.36 -2.22
C LYS A 23 11.68 7.27 -2.16
N VAL A 24 11.16 8.01 -1.18
CA VAL A 24 9.83 7.70 -0.65
C VAL A 24 8.79 7.94 -1.74
N THR A 25 8.90 9.02 -2.49
CA THR A 25 7.94 9.28 -3.56
C THR A 25 8.13 8.24 -4.67
N GLN A 26 9.36 7.88 -5.03
CA GLN A 26 9.57 6.77 -5.94
C GLN A 26 8.91 5.49 -5.48
N SER A 27 9.07 5.12 -4.21
CA SER A 27 8.51 3.90 -3.68
C SER A 27 6.98 3.95 -3.73
N THR A 28 6.42 5.12 -3.50
CA THR A 28 4.98 5.30 -3.53
C THR A 28 4.45 4.88 -4.92
N VAL A 29 5.07 5.42 -5.95
CA VAL A 29 4.67 5.14 -7.33
C VAL A 29 4.85 3.64 -7.61
N GLU A 30 6.00 3.09 -7.23
CA GLU A 30 6.25 1.65 -7.44
C GLU A 30 5.22 0.77 -6.78
N ASP A 31 4.89 1.06 -5.53
CA ASP A 31 4.02 0.20 -4.78
C ASP A 31 2.58 0.30 -5.31
N PHE A 32 2.16 1.47 -5.72
CA PHE A 32 0.88 1.64 -6.40
C PHE A 32 0.79 0.69 -7.60
N ARG A 33 1.80 0.76 -8.46
CA ARG A 33 1.81 -0.06 -9.68
C ARG A 33 1.78 -1.55 -9.32
N SER A 34 2.72 -1.97 -8.46
N SER A 34 2.71 -1.99 -8.46
N SER A 34 2.68 -1.97 -8.44
CA SER A 34 2.88 -3.39 -8.12
CA SER A 34 2.83 -3.43 -8.19
CA SER A 34 2.84 -3.39 -8.13
C SER A 34 1.62 -3.98 -7.49
C SER A 34 1.61 -4.00 -7.48
C SER A 34 1.59 -3.99 -7.50
N THR A 35 0.94 -3.23 -6.62
CA THR A 35 -0.30 -3.70 -6.03
C THR A 35 -1.38 -3.92 -7.09
N ASN A 36 -1.47 -3.01 -8.04
CA ASN A 36 -2.46 -3.14 -9.10
C ASN A 36 -2.10 -4.29 -10.04
N GLN A 37 -0.82 -4.47 -10.31
CA GLN A 37 -0.37 -5.62 -11.12
C GLN A 37 -0.69 -6.93 -10.48
N SER A 38 -0.39 -7.06 -9.18
N SER A 38 -0.42 -7.06 -9.17
CA SER A 38 -0.67 -8.30 -8.49
CA SER A 38 -0.68 -8.34 -8.49
C SER A 38 -2.17 -8.64 -8.53
C SER A 38 -2.17 -8.67 -8.42
N PHE A 39 -3.00 -7.63 -8.30
CA PHE A 39 -4.44 -7.78 -8.34
C PHE A 39 -4.90 -8.28 -9.73
N THR A 40 -4.34 -7.68 -10.77
CA THR A 40 -4.74 -8.02 -12.14
C THR A 40 -4.32 -9.46 -12.42
N ARG A 41 -3.12 -9.84 -12.00
N ARG A 41 -3.11 -9.81 -12.01
CA ARG A 41 -2.65 -11.19 -12.24
CA ARG A 41 -2.64 -11.16 -12.20
C ARG A 41 -3.50 -12.23 -11.49
C ARG A 41 -3.54 -12.18 -11.51
N ALA A 42 -3.94 -11.90 -10.28
CA ALA A 42 -4.82 -12.78 -9.53
C ALA A 42 -6.15 -12.97 -10.27
N LEU A 43 -6.67 -11.90 -10.81
CA LEU A 43 -7.95 -11.94 -11.52
C LEU A 43 -7.78 -12.78 -12.78
N GLU A 44 -6.69 -12.56 -13.53
CA GLU A 44 -6.41 -13.37 -14.71
C GLU A 44 -6.46 -14.85 -14.34
N LYS A 45 -5.80 -15.20 -13.25
CA LYS A 45 -5.70 -16.61 -12.85
C LYS A 45 -7.07 -17.18 -12.53
N ASP A 46 -7.89 -16.43 -11.83
CA ASP A 46 -9.23 -16.93 -11.46
C ASP A 46 -10.09 -17.11 -12.72
N ILE A 47 -9.97 -16.22 -13.69
CA ILE A 47 -10.77 -16.35 -14.93
C ILE A 47 -10.30 -17.55 -15.72
N ALA A 48 -8.98 -17.66 -15.93
CA ALA A 48 -8.45 -18.72 -16.74
C ALA A 48 -8.66 -20.08 -16.11
N ASN A 49 -8.82 -20.15 -14.80
N ASN A 49 -8.84 -20.11 -14.80
CA ASN A 49 -9.07 -21.45 -14.14
CA ASN A 49 -9.08 -21.34 -14.08
C ASN A 49 -10.52 -21.93 -14.28
C ASN A 49 -10.47 -21.93 -14.37
N LEU A 50 -11.40 -21.12 -14.83
CA LEU A 50 -12.73 -21.60 -15.15
C LEU A 50 -12.61 -22.68 -16.26
N PRO A 51 -13.55 -23.64 -16.29
CA PRO A 51 -13.59 -24.54 -17.44
C PRO A 51 -13.97 -23.80 -18.71
N TYR A 52 -13.54 -24.34 -19.84
N TYR A 52 -13.54 -24.35 -19.84
CA TYR A 52 -13.89 -23.70 -21.09
CA TYR A 52 -13.86 -23.72 -21.10
C TYR A 52 -15.39 -23.50 -21.20
C TYR A 52 -15.36 -23.55 -21.27
N GLN A 53 -16.17 -24.50 -20.78
CA GLN A 53 -17.60 -24.39 -20.96
C GLN A 53 -18.12 -23.05 -20.42
N SER A 54 -17.53 -22.61 -19.31
CA SER A 54 -17.95 -21.39 -18.65
C SER A 54 -17.55 -20.11 -19.36
N LEU A 55 -16.64 -20.25 -20.32
CA LEU A 55 -16.02 -19.15 -21.04
C LEU A 55 -16.44 -18.95 -22.50
N ILE A 56 -17.06 -19.97 -23.09
CA ILE A 56 -17.23 -19.99 -24.53
C ILE A 56 -18.59 -19.64 -25.04
N THR A 57 -19.50 -19.25 -24.16
CA THR A 57 -20.72 -18.57 -24.61
C THR A 57 -20.83 -17.28 -23.85
N GLU A 58 -21.42 -16.27 -24.49
CA GLU A 58 -21.57 -14.98 -23.87
C GLU A 58 -22.39 -14.99 -22.60
N GLU A 59 -23.47 -15.75 -22.61
CA GLU A 59 -24.29 -15.87 -21.43
C GLU A 59 -23.48 -16.52 -20.28
N ASN A 60 -22.67 -17.54 -20.60
CA ASN A 60 -21.87 -18.12 -19.55
C ASN A 60 -20.81 -17.18 -19.04
N ILE A 61 -20.20 -16.37 -19.92
N ILE A 61 -20.19 -16.38 -19.90
CA ILE A 61 -19.23 -15.35 -19.52
CA ILE A 61 -19.22 -15.42 -19.37
C ILE A 61 -19.93 -14.38 -18.54
C ILE A 61 -19.89 -14.33 -18.55
N ILE A 62 -21.12 -13.93 -18.89
CA ILE A 62 -21.85 -13.00 -18.01
C ILE A 62 -22.00 -13.66 -16.65
N ASN A 63 -22.55 -14.87 -16.62
CA ASN A 63 -22.92 -15.49 -15.36
C ASN A 63 -21.76 -16.00 -14.51
N ASN A 64 -20.67 -16.41 -15.16
N ASN A 64 -20.66 -16.39 -15.16
CA ASN A 64 -19.54 -17.01 -14.47
CA ASN A 64 -19.54 -17.03 -14.48
C ASN A 64 -18.36 -16.07 -14.26
C ASN A 64 -18.35 -16.09 -14.27
N VAL A 65 -18.08 -15.22 -15.23
CA VAL A 65 -17.01 -14.26 -15.07
C VAL A 65 -17.53 -12.98 -14.41
N GLY A 66 -18.75 -12.57 -14.70
CA GLY A 66 -19.28 -11.35 -14.10
C GLY A 66 -19.11 -11.26 -12.59
N PRO A 67 -19.53 -12.27 -11.85
CA PRO A 67 -19.37 -12.16 -10.39
C PRO A 67 -17.92 -11.97 -9.96
N ILE A 68 -16.98 -12.59 -10.64
CA ILE A 68 -15.57 -12.49 -10.31
C ILE A 68 -15.11 -11.06 -10.53
N LEU A 69 -15.49 -10.45 -11.67
CA LEU A 69 -15.16 -9.06 -11.93
C LEU A 69 -15.70 -8.16 -10.79
N LYS A 70 -16.94 -8.35 -10.43
CA LYS A 70 -17.61 -7.57 -9.40
C LYS A 70 -16.89 -7.68 -8.06
N TYR A 71 -16.63 -8.90 -7.61
CA TYR A 71 -15.96 -9.08 -6.30
C TYR A 71 -14.62 -8.41 -6.31
N TYR A 72 -13.83 -8.67 -7.35
CA TYR A 72 -12.54 -8.07 -7.45
C TYR A 72 -12.62 -6.53 -7.50
N ARG A 73 -13.56 -5.98 -8.25
CA ARG A 73 -13.77 -4.55 -8.31
C ARG A 73 -14.02 -4.01 -6.88
N HIS A 74 -14.95 -4.63 -6.17
CA HIS A 74 -15.25 -4.21 -4.82
C HIS A 74 -14.03 -4.30 -3.90
N SER A 75 -13.32 -5.41 -3.97
N SER A 75 -13.26 -5.38 -4.03
CA SER A 75 -12.24 -5.64 -3.02
CA SER A 75 -12.16 -5.65 -3.12
C SER A 75 -11.20 -4.53 -3.02
C SER A 75 -11.25 -4.43 -3.00
N ILE A 76 -10.98 -3.89 -4.16
N ILE A 76 -10.92 -3.83 -4.13
CA ILE A 76 -9.94 -2.85 -4.32
CA ILE A 76 -9.98 -2.71 -4.12
C ILE A 76 -10.57 -1.45 -4.56
C ILE A 76 -10.60 -1.37 -4.42
N ASN A 77 -11.91 -1.37 -4.62
CA ASN A 77 -12.60 -0.12 -4.98
C ASN A 77 -12.06 0.42 -6.33
N ALA A 78 -11.99 -0.47 -7.32
CA ALA A 78 -11.68 -0.02 -8.68
C ALA A 78 -12.90 0.68 -9.30
N LEU A 79 -12.65 1.45 -10.34
N LEU A 79 -12.67 1.49 -10.33
CA LEU A 79 -13.74 2.14 -11.03
CA LEU A 79 -13.79 2.13 -11.02
C LEU A 79 -14.48 1.22 -12.01
C LEU A 79 -14.51 1.14 -11.93
N ASN A 80 -13.72 0.41 -12.74
CA ASN A 80 -14.27 -0.52 -13.72
C ASN A 80 -13.38 -1.75 -13.72
N VAL A 81 -13.97 -2.94 -13.89
CA VAL A 81 -13.20 -4.16 -14.12
C VAL A 81 -13.98 -4.90 -15.22
N TYR A 82 -13.26 -5.35 -16.24
CA TYR A 82 -13.96 -5.75 -17.46
C TYR A 82 -13.14 -6.77 -18.26
N LEU A 83 -13.84 -7.42 -19.19
CA LEU A 83 -13.24 -8.40 -20.08
C LEU A 83 -13.70 -8.13 -21.51
N GLY A 84 -12.76 -7.77 -22.38
CA GLY A 84 -13.09 -7.50 -23.77
C GLY A 84 -12.87 -8.70 -24.63
N LEU A 85 -13.82 -8.93 -25.52
CA LEU A 85 -13.82 -10.13 -26.36
C LEU A 85 -13.54 -9.77 -27.81
N ASN A 86 -13.11 -10.78 -28.57
CA ASN A 86 -12.71 -10.52 -29.97
C ASN A 86 -13.90 -10.17 -30.88
N ASN A 87 -15.14 -10.38 -30.41
CA ASN A 87 -16.30 -9.89 -31.16
C ASN A 87 -16.65 -8.43 -30.92
N GLY A 88 -15.80 -7.75 -30.14
CA GLY A 88 -15.93 -6.35 -29.85
C GLY A 88 -16.77 -6.05 -28.63
N LYS A 89 -17.38 -7.06 -28.02
CA LYS A 89 -18.16 -6.82 -26.80
C LYS A 89 -17.26 -6.80 -25.57
N VAL A 90 -17.71 -6.15 -24.52
N VAL A 90 -17.70 -6.06 -24.55
CA VAL A 90 -16.95 -6.10 -23.27
CA VAL A 90 -17.04 -6.04 -23.25
C VAL A 90 -17.89 -6.34 -22.10
C VAL A 90 -18.02 -6.49 -22.19
N LEU A 91 -17.55 -7.35 -21.29
CA LEU A 91 -18.28 -7.62 -20.07
C LEU A 91 -17.79 -6.64 -19.03
N LEU A 92 -18.67 -5.77 -18.58
CA LEU A 92 -18.26 -4.60 -17.77
C LEU A 92 -18.88 -4.64 -16.39
N SER A 93 -18.03 -4.58 -15.35
CA SER A 93 -18.46 -4.35 -13.96
C SER A 93 -18.01 -2.92 -13.60
N GLN A 94 -18.99 -2.04 -13.38
CA GLN A 94 -18.67 -0.62 -13.22
C GLN A 94 -19.21 -0.17 -11.88
N LYS A 95 -18.51 0.81 -11.29
CA LYS A 95 -19.05 1.47 -10.09
C LYS A 95 -20.36 2.21 -10.44
N SER A 96 -21.34 2.12 -9.54
CA SER A 96 -22.67 2.72 -9.72
C SER A 96 -23.45 2.21 -10.94
N ASP A 98 -26.02 1.40 -9.40
CA ASP A 98 -26.96 1.04 -8.33
C ASP A 98 -27.00 -0.50 -8.23
N ALA A 99 -25.82 -1.10 -8.12
CA ALA A 99 -25.68 -2.54 -7.87
C ALA A 99 -26.19 -3.42 -9.01
N LYS A 100 -26.45 -2.84 -10.18
N LYS A 100 -26.24 -2.86 -10.22
CA LYS A 100 -26.87 -3.65 -11.33
CA LYS A 100 -26.70 -3.67 -11.35
C LYS A 100 -25.74 -4.56 -11.81
C LYS A 100 -25.61 -4.61 -11.84
N MET A 101 -26.12 -5.78 -12.23
CA MET A 101 -25.23 -6.84 -12.62
C MET A 101 -24.35 -6.43 -13.82
N PRO A 102 -23.15 -7.00 -13.91
CA PRO A 102 -22.31 -6.72 -15.06
C PRO A 102 -23.07 -7.02 -16.36
N GLU A 103 -22.81 -6.20 -17.35
CA GLU A 103 -23.53 -6.24 -18.64
C GLU A 103 -22.50 -6.41 -19.73
N LEU A 104 -22.96 -7.03 -20.82
CA LEU A 104 -22.16 -7.17 -22.00
C LEU A 104 -22.46 -5.98 -22.91
N ARG A 105 -21.50 -5.10 -23.08
CA ARG A 105 -21.69 -3.84 -23.84
C ARG A 105 -21.05 -3.98 -25.21
N ASP A 106 -21.77 -3.55 -26.24
CA ASP A 106 -21.29 -3.62 -27.63
C ASP A 106 -20.85 -2.30 -28.26
N ASP A 107 -20.88 -1.22 -27.48
CA ASP A 107 -20.74 0.10 -28.01
C ASP A 107 -19.47 0.82 -27.55
N LEU A 108 -18.47 0.10 -27.06
CA LEU A 108 -17.29 0.75 -26.46
C LEU A 108 -16.05 0.73 -27.36
N ASP A 109 -16.21 0.31 -28.61
CA ASP A 109 -15.14 0.46 -29.63
C ASP A 109 -13.80 -0.02 -29.12
N ILE A 110 -13.79 -1.25 -28.60
CA ILE A 110 -12.68 -1.67 -27.80
C ILE A 110 -11.45 -1.95 -28.65
N LYS A 111 -11.61 -2.37 -29.91
CA LYS A 111 -10.45 -2.62 -30.76
C LYS A 111 -9.70 -1.35 -31.17
N THR A 112 -10.27 -0.21 -30.86
CA THR A 112 -9.60 1.07 -31.10
C THR A 112 -8.79 1.51 -29.91
N LYS A 113 -8.94 0.80 -28.80
CA LYS A 113 -8.35 1.27 -27.54
C LYS A 113 -6.95 0.68 -27.33
N ASP A 114 -6.04 1.49 -26.80
CA ASP A 114 -4.70 1.01 -26.52
C ASP A 114 -4.70 -0.07 -25.44
N TRP A 115 -5.56 0.02 -24.45
CA TRP A 115 -5.55 -1.02 -23.40
C TRP A 115 -5.82 -2.39 -24.03
N TYR A 116 -6.69 -2.47 -25.03
CA TYR A 116 -7.01 -3.72 -25.74
C TYR A 116 -5.87 -4.11 -26.68
N GLN A 117 -5.57 -3.20 -27.59
N GLN A 117 -5.50 -3.23 -27.60
CA GLN A 117 -4.57 -3.47 -28.61
CA GLN A 117 -4.57 -3.67 -28.63
C GLN A 117 -3.25 -3.91 -27.99
C GLN A 117 -3.12 -3.78 -28.14
N GLU A 118 -2.74 -3.11 -27.06
CA GLU A 118 -1.42 -3.34 -26.49
C GLU A 118 -1.32 -4.59 -25.67
N ALA A 119 -2.40 -5.00 -25.05
CA ALA A 119 -2.40 -6.24 -24.29
C ALA A 119 -2.15 -7.43 -25.19
N LEU A 120 -2.55 -7.34 -26.45
CA LEU A 120 -2.33 -8.43 -27.39
C LEU A 120 -0.93 -8.47 -28.00
N LYS A 121 -0.14 -7.44 -27.69
CA LYS A 121 1.22 -7.29 -28.21
C LYS A 121 2.32 -7.58 -27.19
N THR A 122 1.91 -7.87 -25.94
CA THR A 122 2.85 -8.25 -24.89
C THR A 122 2.25 -9.42 -24.12
N ASN A 123 3.11 -10.22 -23.50
CA ASN A 123 2.67 -11.21 -22.53
C ASN A 123 2.62 -10.70 -21.09
N ASP A 124 3.01 -9.42 -20.91
CA ASP A 124 2.94 -8.78 -19.60
C ASP A 124 1.59 -8.06 -19.44
N ILE A 125 1.36 -7.55 -18.25
CA ILE A 125 0.34 -6.57 -18.02
C ILE A 125 0.77 -5.28 -18.74
N PHE A 126 -0.18 -4.63 -19.40
CA PHE A 126 0.02 -3.31 -19.96
C PHE A 126 -0.59 -2.24 -19.06
N VAL A 127 0.15 -1.14 -18.90
CA VAL A 127 -0.30 -0.04 -18.04
C VAL A 127 -0.41 1.23 -18.90
N THR A 128 -1.63 1.76 -19.04
CA THR A 128 -1.81 2.92 -19.87
C THR A 128 -1.33 4.18 -19.15
N PRO A 129 -1.01 5.23 -19.91
CA PRO A 129 -1.02 6.58 -19.31
C PRO A 129 -2.42 6.88 -18.79
N ALA A 130 -2.56 7.90 -17.97
CA ALA A 130 -3.85 8.30 -17.50
C ALA A 130 -4.67 8.81 -18.70
N TYR A 131 -5.97 8.55 -18.68
CA TYR A 131 -6.87 9.00 -19.76
C TYR A 131 -8.28 9.05 -19.20
N LEU A 132 -9.17 9.72 -19.96
CA LEU A 132 -10.56 9.85 -19.57
C LEU A 132 -11.38 8.65 -19.92
N ASP A 133 -11.73 7.85 -18.92
CA ASP A 133 -12.56 6.68 -19.16
C ASP A 133 -13.87 7.08 -19.80
N THR A 134 -14.25 6.31 -20.80
N THR A 134 -14.27 6.35 -20.84
CA THR A 134 -15.48 6.56 -21.53
CA THR A 134 -15.56 6.65 -21.49
C THR A 134 -16.77 6.18 -20.79
C THR A 134 -16.79 6.30 -20.66
N VAL A 135 -16.67 5.30 -19.78
CA VAL A 135 -17.83 4.80 -19.07
C VAL A 135 -18.30 5.74 -17.97
N LEU A 136 -17.40 6.00 -17.05
CA LEU A 136 -17.67 6.82 -15.89
C LEU A 136 -17.04 8.20 -15.94
N LYS A 137 -16.30 8.52 -16.99
CA LYS A 137 -15.91 9.90 -17.23
C LYS A 137 -15.03 10.45 -16.11
N GLN A 138 -14.15 9.60 -15.63
CA GLN A 138 -13.08 9.98 -14.68
C GLN A 138 -11.75 9.63 -15.31
N TYR A 139 -10.69 10.31 -14.91
CA TYR A 139 -9.34 9.96 -15.35
C TYR A 139 -8.88 8.70 -14.64
N VAL A 140 -8.36 7.73 -15.40
CA VAL A 140 -8.00 6.41 -14.89
C VAL A 140 -6.65 6.04 -15.48
N ILE A 141 -5.99 5.16 -14.72
CA ILE A 141 -4.89 4.36 -15.21
C ILE A 141 -5.47 2.96 -15.39
N THR A 142 -5.26 2.39 -16.59
CA THR A 142 -5.76 1.04 -16.88
C THR A 142 -4.62 0.04 -16.90
N TYR A 143 -4.88 -1.09 -16.21
CA TYR A 143 -4.04 -2.25 -16.25
C TYR A 143 -4.79 -3.29 -17.07
N SER A 144 -4.14 -3.78 -18.12
CA SER A 144 -4.79 -4.76 -19.00
C SER A 144 -3.90 -5.98 -19.21
N LYS A 145 -4.56 -7.09 -19.51
CA LYS A 145 -3.85 -8.36 -19.60
C LYS A 145 -4.64 -9.29 -20.54
N ALA A 146 -3.98 -9.77 -21.59
CA ALA A 146 -4.59 -10.81 -22.42
C ALA A 146 -4.61 -12.11 -21.64
N ILE A 147 -5.80 -12.70 -21.54
N ILE A 147 -5.80 -12.69 -21.50
CA ILE A 147 -6.04 -13.90 -20.75
CA ILE A 147 -6.00 -13.91 -20.75
C ILE A 147 -6.09 -15.12 -21.66
C ILE A 147 -6.04 -15.09 -21.69
N TYR A 148 -5.17 -16.06 -21.43
CA TYR A 148 -5.10 -17.28 -22.26
C TYR A 148 -5.42 -18.50 -21.38
N LYS A 149 -6.10 -19.48 -21.95
CA LYS A 149 -6.35 -20.75 -21.29
C LYS A 149 -5.87 -21.83 -22.25
N ASP A 150 -4.96 -22.73 -21.89
N ASP A 150 -4.75 -22.39 -21.77
CA ASP A 150 -4.42 -23.72 -22.86
CA ASP A 150 -3.95 -23.41 -22.41
C ASP A 150 -3.84 -23.03 -24.11
C ASP A 150 -3.72 -23.06 -23.87
N GLY A 151 -3.32 -21.81 -24.01
CA GLY A 151 -2.79 -21.19 -25.23
C GLY A 151 -3.77 -20.40 -26.05
N LYS A 152 -5.04 -20.51 -25.69
CA LYS A 152 -6.13 -19.93 -26.42
C LYS A 152 -6.59 -18.64 -25.75
N ILE A 153 -6.68 -17.58 -26.52
N ILE A 153 -6.64 -17.56 -26.51
CA ILE A 153 -7.12 -16.29 -25.98
CA ILE A 153 -7.10 -16.31 -25.92
C ILE A 153 -8.60 -16.31 -25.59
C ILE A 153 -8.57 -16.40 -25.54
N ILE A 154 -8.88 -15.89 -24.36
CA ILE A 154 -10.22 -15.74 -23.90
C ILE A 154 -10.72 -14.31 -24.18
N GLY A 155 -9.92 -13.34 -23.77
CA GLY A 155 -10.16 -11.93 -24.00
C GLY A 155 -9.17 -11.11 -23.23
N VAL A 156 -9.35 -9.78 -23.27
CA VAL A 156 -8.44 -8.85 -22.65
C VAL A 156 -9.11 -8.32 -21.39
N LEU A 157 -8.49 -8.63 -20.23
CA LEU A 157 -8.93 -8.11 -18.92
C LEU A 157 -8.48 -6.65 -18.81
N GLY A 158 -9.35 -5.82 -18.26
CA GLY A 158 -8.99 -4.44 -17.90
C GLY A 158 -9.44 -4.11 -16.51
N VAL A 159 -8.58 -3.29 -15.88
CA VAL A 159 -8.84 -2.77 -14.53
C VAL A 159 -8.56 -1.28 -14.52
N ASP A 160 -9.57 -0.46 -14.21
CA ASP A 160 -9.42 1.00 -14.21
C ASP A 160 -9.34 1.50 -12.78
N ILE A 161 -8.22 2.12 -12.46
CA ILE A 161 -8.04 2.72 -11.15
C ILE A 161 -7.99 4.27 -11.35
N PRO A 162 -8.76 5.04 -10.56
CA PRO A 162 -8.67 6.49 -10.71
C PRO A 162 -7.25 7.01 -10.60
N SER A 163 -6.80 7.82 -11.55
CA SER A 163 -5.49 8.45 -11.44
C SER A 163 -5.35 9.31 -10.19
N GLU A 164 -6.46 9.86 -9.71
CA GLU A 164 -6.43 10.64 -8.50
C GLU A 164 -5.95 9.79 -7.31
N ASP A 165 -6.08 8.45 -7.35
CA ASP A 165 -5.64 7.66 -6.22
C ASP A 165 -4.13 7.78 -6.10
N LEU A 166 -3.44 7.75 -7.23
CA LEU A 166 -1.98 7.87 -7.22
C LEU A 166 -1.63 9.31 -6.85
N GLN A 167 -2.32 10.29 -7.44
CA GLN A 167 -2.05 11.71 -7.13
C GLN A 167 -2.12 11.93 -5.64
N ASN A 168 -3.16 11.42 -5.00
CA ASN A 168 -3.36 11.58 -3.56
C ASN A 168 -2.27 10.94 -2.75
N LEU A 169 -1.83 9.74 -3.14
CA LEU A 169 -0.75 9.06 -2.42
C LEU A 169 0.53 9.88 -2.52
N VAL A 170 0.88 10.37 -3.69
CA VAL A 170 2.09 11.19 -3.85
C VAL A 170 1.99 12.46 -3.01
N ALA A 171 0.81 13.10 -3.05
CA ALA A 171 0.68 14.37 -2.37
C ALA A 171 0.93 14.24 -0.87
N LYS A 172 0.57 13.10 -0.30
CA LYS A 172 0.67 12.87 1.14
C LYS A 172 2.09 12.71 1.58
N THR A 173 3.03 12.38 0.69
CA THR A 173 4.40 12.03 1.09
C THR A 173 5.07 13.27 1.72
N PRO A 174 6.06 13.02 2.58
CA PRO A 174 6.91 14.12 3.04
C PRO A 174 7.73 14.74 1.93
N GLY A 175 8.15 15.98 2.17
CA GLY A 175 8.99 16.66 1.22
C GLY A 175 8.21 17.34 0.12
N ASN A 176 8.92 18.30 -0.48
CA ASN A 176 8.43 19.06 -1.64
C ASN A 176 8.68 18.25 -2.91
N THR A 177 7.95 17.14 -3.00
CA THR A 177 8.10 16.18 -4.08
C THR A 177 6.92 16.35 -5.06
N PHE A 178 7.17 15.93 -6.29
CA PHE A 178 6.21 16.08 -7.36
C PHE A 178 6.54 15.09 -8.46
N LEU A 179 5.60 14.96 -9.38
N LEU A 179 5.51 14.76 -9.25
CA LEU A 179 5.71 13.89 -10.36
CA LEU A 179 5.64 13.88 -10.40
C LEU A 179 5.21 14.45 -11.69
C LEU A 179 5.33 14.65 -11.68
N PHE A 180 6.01 14.26 -12.74
CA PHE A 180 5.61 14.61 -14.11
C PHE A 180 5.23 13.33 -14.84
N ASP A 181 4.27 13.42 -15.77
CA ASP A 181 3.89 12.32 -16.63
C ASP A 181 4.86 12.18 -17.81
N GLN A 182 4.52 11.29 -18.74
N GLN A 182 4.57 11.22 -18.69
CA GLN A 182 5.43 10.91 -19.78
CA GLN A 182 5.36 10.91 -19.89
C GLN A 182 5.58 12.00 -20.88
C GLN A 182 5.73 12.14 -20.70
N LYS A 183 4.77 13.05 -20.78
CA LYS A 183 4.82 14.24 -21.67
C LYS A 183 5.40 15.43 -20.89
N ASN A 184 6.00 15.15 -19.74
CA ASN A 184 6.61 16.16 -18.84
C ASN A 184 5.61 17.25 -18.42
N LYS A 185 4.33 16.89 -18.33
N LYS A 185 4.38 16.80 -18.19
CA LYS A 185 3.35 17.76 -17.68
CA LYS A 185 3.33 17.63 -17.63
C LYS A 185 3.23 17.35 -16.22
C LYS A 185 3.23 17.31 -16.16
N ILE A 186 3.04 18.33 -15.34
CA ILE A 186 2.88 18.03 -13.93
C ILE A 186 1.67 17.14 -13.69
N PHE A 187 1.83 16.15 -12.82
CA PHE A 187 0.83 15.10 -12.59
C PHE A 187 0.38 15.07 -11.14
N ALA A 188 1.34 15.21 -10.21
CA ALA A 188 1.04 15.13 -8.79
C ALA A 188 2.06 15.96 -8.03
N ALA A 189 1.65 16.48 -6.87
CA ALA A 189 2.55 17.29 -6.05
C ALA A 189 2.06 17.35 -4.61
N THR A 190 3.01 17.35 -3.68
CA THR A 190 2.70 17.68 -2.29
C THR A 190 2.17 19.08 -2.12
N ASN A 191 2.78 20.03 -2.83
CA ASN A 191 2.28 21.41 -2.75
C ASN A 191 1.35 21.60 -3.96
N LYS A 192 0.06 21.72 -3.69
CA LYS A 192 -0.94 21.80 -4.77
C LYS A 192 -0.72 22.99 -5.70
N GLU A 193 0.02 24.01 -5.27
CA GLU A 193 0.29 25.14 -6.18
C GLU A 193 1.09 24.76 -7.44
N LEU A 194 1.92 23.76 -7.28
CA LEU A 194 2.70 23.31 -8.42
C LEU A 194 1.87 22.78 -9.56
N LEU A 195 0.60 22.46 -9.30
CA LEU A 195 -0.27 21.94 -10.32
C LEU A 195 -0.85 23.00 -11.25
N ASN A 196 -0.61 24.29 -10.99
CA ASN A 196 -1.01 25.36 -11.93
C ASN A 196 -0.33 25.06 -13.27
N PRO A 197 -1.10 24.96 -14.37
CA PRO A 197 -0.51 24.57 -15.64
C PRO A 197 0.39 25.64 -16.25
N SER A 198 0.36 26.84 -15.69
CA SER A 198 1.21 27.88 -16.20
C SER A 198 2.53 28.01 -15.47
N ILE A 199 2.74 27.20 -14.44
CA ILE A 199 4.00 27.24 -13.75
C ILE A 199 5.04 26.73 -14.73
N ASP A 200 6.18 27.38 -14.62
CA ASP A 200 7.37 26.99 -15.33
C ASP A 200 8.31 26.04 -14.57
N HIS A 201 8.28 24.81 -15.13
CA HIS A 201 9.16 23.74 -14.63
C HIS A 201 10.45 23.53 -15.44
N SER A 202 10.74 24.39 -16.41
N SER A 202 10.78 24.40 -16.39
CA SER A 202 11.95 24.25 -17.22
CA SER A 202 11.93 24.16 -17.23
C SER A 202 13.21 24.09 -16.35
C SER A 202 13.31 24.24 -16.52
N PRO A 203 13.45 25.05 -15.45
CA PRO A 203 14.68 25.04 -14.69
C PRO A 203 14.99 23.69 -14.02
N VAL A 204 13.97 23.08 -13.43
N VAL A 204 13.98 23.06 -13.44
CA VAL A 204 14.13 21.77 -12.77
CA VAL A 204 14.17 21.77 -12.78
C VAL A 204 14.33 20.70 -13.84
C VAL A 204 14.20 20.60 -13.76
N LEU A 205 13.50 20.71 -14.88
CA LEU A 205 13.61 19.69 -15.92
C LEU A 205 14.95 19.81 -16.66
N ASN A 206 15.42 21.04 -16.89
CA ASN A 206 16.70 21.28 -17.54
C ASN A 206 17.86 20.77 -16.68
N ALA A 207 17.78 21.05 -15.39
CA ALA A 207 18.83 20.61 -14.45
C ALA A 207 18.87 19.06 -14.36
N TYR A 208 17.69 18.44 -14.36
CA TYR A 208 17.60 16.98 -14.41
C TYR A 208 18.24 16.41 -15.67
N LYS A 209 17.88 16.98 -16.82
CA LYS A 209 18.46 16.61 -18.11
C LYS A 209 20.01 16.66 -18.11
N LEU A 210 20.57 17.60 -17.36
N LEU A 210 20.61 17.63 -17.44
CA LEU A 210 22.02 17.81 -17.32
CA LEU A 210 22.08 17.70 -17.38
C LEU A 210 22.74 16.99 -16.26
C LEU A 210 22.68 16.69 -16.40
N ASN A 211 21.98 16.46 -15.30
CA ASN A 211 22.58 15.77 -14.14
C ASN A 211 22.24 14.29 -14.06
N GLY A 212 21.07 13.88 -14.52
CA GLY A 212 20.66 12.47 -14.42
C GLY A 212 19.97 12.04 -13.13
N ASP A 213 19.62 10.78 -13.07
CA ASP A 213 18.78 10.24 -12.02
C ASP A 213 19.48 10.29 -10.69
N ASN A 214 18.81 10.93 -9.74
N ASN A 214 18.78 10.82 -9.70
CA ASN A 214 19.18 10.94 -8.33
CA ASN A 214 19.27 10.85 -8.33
C ASN A 214 20.40 11.79 -8.04
C ASN A 214 20.61 11.56 -8.22
N ASN A 215 20.80 12.59 -9.02
CA ASN A 215 21.97 13.43 -8.88
C ASN A 215 21.54 14.82 -8.49
N PHE A 216 21.91 15.20 -7.26
N PHE A 216 22.08 15.25 -7.37
CA PHE A 216 21.53 16.47 -6.63
CA PHE A 216 21.62 16.50 -6.85
C PHE A 216 22.18 17.66 -7.40
C PHE A 216 22.19 17.65 -7.63
N PHE A 217 21.37 18.68 -7.71
CA PHE A 217 21.77 19.86 -8.45
C PHE A 217 21.34 21.18 -7.78
N SER A 218 21.96 22.26 -8.24
CA SER A 218 21.64 23.61 -7.89
C SER A 218 20.94 24.28 -9.08
N TYR A 219 19.93 25.12 -8.85
CA TYR A 219 19.35 25.92 -9.89
C TYR A 219 18.83 27.20 -9.27
N LYS A 220 18.34 28.10 -10.12
CA LYS A 220 17.89 29.42 -9.70
C LYS A 220 16.37 29.63 -9.88
N LEU A 221 15.77 30.34 -8.94
CA LEU A 221 14.38 30.84 -9.05
C LEU A 221 14.34 32.29 -8.52
N ASN A 222 13.97 33.26 -9.38
CA ASN A 222 13.92 34.68 -8.97
C ASN A 222 15.25 35.11 -8.35
N ASN A 223 16.33 34.59 -8.92
N ASN A 223 16.33 34.61 -8.94
CA ASN A 223 17.70 34.94 -8.56
CA ASN A 223 17.69 34.98 -8.56
C ASN A 223 18.17 34.35 -7.23
C ASN A 223 18.18 34.33 -7.26
N GLU A 224 17.34 33.54 -6.59
CA GLU A 224 17.75 32.77 -5.41
C GLU A 224 18.10 31.33 -5.77
N GLU A 225 18.96 30.73 -4.96
CA GLU A 225 19.44 29.38 -5.20
C GLU A 225 18.51 28.36 -4.56
N ARG A 226 18.27 27.29 -5.32
CA ARG A 226 17.56 26.14 -4.89
C ARG A 226 18.34 24.88 -5.19
N LEU A 227 17.98 23.79 -4.52
CA LEU A 227 18.62 22.51 -4.66
C LEU A 227 17.54 21.47 -4.99
N GLY A 228 17.88 20.47 -5.80
CA GLY A 228 16.92 19.42 -6.11
C GLY A 228 17.52 18.21 -6.74
N ALA A 229 16.65 17.26 -7.00
CA ALA A 229 17.01 16.05 -7.71
C ALA A 229 15.76 15.47 -8.31
N CYS A 230 15.93 14.76 -9.43
CA CYS A 230 14.84 13.99 -10.03
C CYS A 230 15.31 12.59 -10.38
N THR A 231 14.35 11.70 -10.61
CA THR A 231 14.64 10.37 -11.11
C THR A 231 13.46 9.90 -11.96
N LYS A 232 13.76 9.04 -12.92
CA LYS A 232 12.70 8.37 -13.69
C LYS A 232 12.08 7.28 -12.78
N VAL A 233 10.77 7.15 -12.87
CA VAL A 233 10.04 6.10 -12.19
C VAL A 233 8.99 5.66 -13.20
N PHE A 234 9.27 4.53 -13.83
CA PHE A 234 8.51 4.09 -15.03
C PHE A 234 8.56 5.25 -16.04
N ALA A 235 7.43 5.64 -16.62
CA ALA A 235 7.43 6.76 -17.52
C ALA A 235 7.28 8.14 -16.88
N TYR A 236 7.20 8.16 -15.55
CA TYR A 236 7.09 9.40 -14.83
C TYR A 236 8.47 9.91 -14.46
N THR A 237 8.53 11.18 -14.13
CA THR A 237 9.72 11.78 -13.54
C THR A 237 9.32 12.29 -12.16
N ALA A 238 10.02 11.82 -11.13
CA ALA A 238 9.80 12.27 -9.74
C ALA A 238 10.91 13.25 -9.37
N CYS A 239 10.54 14.38 -8.76
CA CYS A 239 11.52 15.37 -8.34
C CYS A 239 11.25 15.82 -6.93
N ILE A 240 12.31 16.38 -6.34
CA ILE A 240 12.20 17.14 -5.09
C ILE A 240 13.02 18.39 -5.25
N THR A 241 12.57 19.50 -4.66
CA THR A 241 13.38 20.73 -4.61
C THR A 241 13.18 21.38 -3.22
N GLU A 242 14.16 22.20 -2.87
CA GLU A 242 14.16 22.99 -1.64
C GLU A 242 14.99 24.25 -1.88
N SER A 243 14.82 25.19 -0.97
CA SER A 243 15.65 26.35 -0.94
C SER A 243 17.06 25.93 -0.56
N ALA A 244 18.04 26.61 -1.11
CA ALA A 244 19.44 26.46 -0.70
C ALA A 244 19.82 27.25 0.55
N ASP A 245 18.85 27.85 1.24
CA ASP A 245 19.15 28.63 2.43
C ASP A 245 19.79 27.70 3.49
N ILE A 246 19.46 26.41 3.49
CA ILE A 246 20.06 25.46 4.44
C ILE A 246 21.58 25.44 4.37
N ILE A 247 22.14 25.58 3.17
CA ILE A 247 23.59 25.59 3.02
C ILE A 247 24.18 26.99 3.03
N ASN A 248 23.45 27.97 2.50
CA ASN A 248 24.00 29.33 2.31
C ASN A 248 23.92 30.26 3.53
N LYS A 249 22.99 29.97 4.42
CA LYS A 249 22.61 30.86 5.50
C LYS A 249 22.61 30.03 6.80
N GLY B 1 26.01 21.13 30.80
CA GLY B 1 25.03 22.10 30.27
C GLY B 1 24.46 21.66 28.93
N ILE B 2 23.93 22.64 28.22
CA ILE B 2 23.38 22.42 26.90
C ILE B 2 24.54 22.09 25.94
N ASP B 3 24.41 21.00 25.20
CA ASP B 3 25.36 20.61 24.16
C ASP B 3 25.34 21.65 23.03
N PRO B 4 26.44 22.33 22.80
CA PRO B 4 26.47 23.36 21.77
C PRO B 4 25.99 22.90 20.40
N PHE B 5 26.20 21.65 20.06
CA PHE B 5 25.77 21.20 18.76
C PHE B 5 24.28 21.31 18.54
N THR B 6 23.53 21.22 19.63
CA THR B 6 22.09 21.28 19.56
C THR B 6 21.53 22.62 19.12
N LYS B 7 22.39 23.64 19.12
CA LYS B 7 22.08 24.95 18.63
C LYS B 7 22.32 25.22 17.16
N THR B 8 22.88 24.24 16.46
CA THR B 8 23.25 24.39 15.06
C THR B 8 22.09 24.12 14.11
N SER B 9 22.18 24.73 12.95
CA SER B 9 21.19 24.47 11.93
C SER B 9 21.36 23.04 11.38
N LEU B 10 22.58 22.49 11.47
CA LEU B 10 22.81 21.12 11.05
C LEU B 10 22.07 20.14 11.93
N TYR B 11 22.14 20.35 13.24
CA TYR B 11 21.40 19.50 14.16
C TYR B 11 19.91 19.59 13.89
N GLU B 12 19.40 20.82 13.75
CA GLU B 12 17.97 21.00 13.47
C GLU B 12 17.51 20.25 12.20
N SER B 13 18.26 20.37 11.12
N SER B 13 18.27 20.46 11.11
CA SER B 13 17.83 19.71 9.90
CA SER B 13 18.05 19.74 9.82
C SER B 13 18.11 18.19 9.94
C SER B 13 17.98 18.23 10.10
N THR B 14 18.97 17.74 10.86
CA THR B 14 19.16 16.31 11.05
C THR B 14 17.93 15.76 11.76
N LEU B 15 17.47 16.43 12.80
CA LEU B 15 16.29 16.00 13.50
C LEU B 15 15.01 16.07 12.62
N LYS B 16 14.93 17.09 11.78
CA LYS B 16 13.85 17.18 10.86
C LYS B 16 13.82 15.88 10.03
N ASN B 17 14.96 15.50 9.44
CA ASN B 17 15.05 14.28 8.62
C ASN B 17 14.55 13.10 9.46
N GLN B 18 15.04 12.94 10.69
CA GLN B 18 14.64 11.81 11.48
C GLN B 18 13.13 11.80 11.69
N THR B 19 12.57 12.97 11.98
CA THR B 19 11.12 13.08 12.14
C THR B 19 10.42 12.63 10.86
N ASP B 20 10.90 13.11 9.72
CA ASP B 20 10.22 12.74 8.49
C ASP B 20 10.28 11.22 8.28
N LEU B 21 11.42 10.61 8.54
CA LEU B 21 11.53 9.16 8.34
C LEU B 21 10.66 8.40 9.33
N LEU B 22 10.57 8.84 10.57
CA LEU B 22 9.67 8.20 11.51
C LEU B 22 8.23 8.28 10.98
N LYS B 23 7.86 9.44 10.44
CA LYS B 23 6.49 9.59 9.95
C LYS B 23 6.22 8.66 8.75
N VAL B 24 7.23 8.38 7.92
CA VAL B 24 7.04 7.40 6.84
C VAL B 24 6.71 6.04 7.41
N THR B 25 7.36 5.63 8.49
CA THR B 25 7.02 4.36 9.14
C THR B 25 5.63 4.41 9.79
N GLN B 26 5.28 5.53 10.42
N GLN B 26 5.27 5.53 10.42
CA GLN B 26 3.92 5.75 10.86
CA GLN B 26 3.90 5.71 10.87
C GLN B 26 2.89 5.54 9.74
C GLN B 26 2.88 5.54 9.74
N SER B 27 3.11 6.22 8.63
CA SER B 27 2.23 6.12 7.48
C SER B 27 2.11 4.69 6.97
N THR B 28 3.22 3.97 7.01
CA THR B 28 3.20 2.59 6.57
C THR B 28 2.21 1.74 7.38
N VAL B 29 2.26 1.89 8.71
CA VAL B 29 1.39 1.18 9.60
C VAL B 29 -0.07 1.58 9.34
N GLU B 30 -0.29 2.89 9.25
CA GLU B 30 -1.65 3.42 9.02
C GLU B 30 -2.27 2.90 7.71
N ASP B 31 -1.46 2.88 6.66
CA ASP B 31 -1.97 2.55 5.34
C ASP B 31 -2.26 1.04 5.27
N PHE B 32 -1.39 0.24 5.88
CA PHE B 32 -1.65 -1.20 5.96
C PHE B 32 -2.99 -1.48 6.65
N ARG B 33 -3.26 -0.80 7.76
N ARG B 33 -3.24 -0.85 7.80
CA ARG B 33 -4.53 -0.96 8.48
CA ARG B 33 -4.48 -1.05 8.51
C ARG B 33 -5.71 -0.46 7.64
C ARG B 33 -5.69 -0.61 7.69
N SER B 34 -5.60 0.72 7.04
N SER B 34 -5.60 0.57 7.08
N SER B 34 -5.62 0.52 7.14
CA SER B 34 -6.71 1.27 6.29
CA SER B 34 -6.77 1.13 6.39
CA SER B 34 -6.71 1.13 6.38
C SER B 34 -7.10 0.36 5.13
C SER B 34 -7.11 0.31 5.14
C SER B 34 -7.08 0.24 5.21
N THR B 35 -6.08 -0.14 4.42
CA THR B 35 -6.35 -1.02 3.29
C THR B 35 -7.04 -2.31 3.67
N ASN B 36 -6.57 -2.91 4.76
CA ASN B 36 -7.14 -4.16 5.20
C ASN B 36 -8.54 -3.97 5.74
N GLN B 37 -8.81 -2.87 6.44
CA GLN B 37 -10.13 -2.56 6.91
C GLN B 37 -11.11 -2.35 5.73
N SER B 38 -10.68 -1.58 4.74
N SER B 38 -10.71 -1.57 4.72
CA SER B 38 -11.55 -1.33 3.60
CA SER B 38 -11.61 -1.32 3.60
C SER B 38 -11.90 -2.62 2.86
C SER B 38 -11.90 -2.60 2.80
N PHE B 39 -10.91 -3.47 2.69
CA PHE B 39 -11.12 -4.80 2.08
C PHE B 39 -12.16 -5.59 2.87
N THR B 40 -12.04 -5.58 4.19
CA THR B 40 -12.94 -6.35 5.02
C THR B 40 -14.38 -5.84 4.94
N ARG B 41 -14.52 -4.51 4.92
N ARG B 41 -14.52 -4.51 4.93
CA ARG B 41 -15.86 -3.92 4.78
CA ARG B 41 -15.85 -3.90 4.78
C ARG B 41 -16.48 -4.26 3.42
C ARG B 41 -16.48 -4.23 3.42
N ALA B 42 -15.66 -4.25 2.36
CA ALA B 42 -16.17 -4.61 1.04
C ALA B 42 -16.68 -6.05 1.00
N LEU B 43 -15.93 -6.93 1.64
CA LEU B 43 -16.31 -8.36 1.69
C LEU B 43 -17.59 -8.58 2.51
N GLU B 44 -17.72 -7.87 3.64
CA GLU B 44 -18.96 -7.86 4.42
C GLU B 44 -20.14 -7.46 3.55
N LYS B 45 -19.96 -6.39 2.77
CA LYS B 45 -21.06 -5.90 1.99
C LYS B 45 -21.48 -6.92 0.93
N ASP B 46 -20.53 -7.54 0.28
CA ASP B 46 -20.88 -8.52 -0.75
C ASP B 46 -21.51 -9.79 -0.13
N ILE B 47 -21.09 -10.19 1.05
CA ILE B 47 -21.74 -11.31 1.71
C ILE B 47 -23.18 -10.97 2.05
N ALA B 48 -23.35 -9.82 2.69
CA ALA B 48 -24.68 -9.41 3.14
C ALA B 48 -25.64 -9.06 2.01
N ASN B 49 -25.11 -8.83 0.80
N ASN B 49 -25.08 -8.84 0.82
CA ASN B 49 -25.99 -8.62 -0.34
CA ASN B 49 -25.91 -8.62 -0.36
C ASN B 49 -26.55 -9.91 -0.93
C ASN B 49 -26.55 -9.90 -0.89
N LEU B 50 -26.04 -11.07 -0.49
CA LEU B 50 -26.67 -12.33 -0.81
C LEU B 50 -28.09 -12.34 -0.24
N PRO B 51 -29.02 -13.02 -0.92
CA PRO B 51 -30.34 -13.11 -0.35
C PRO B 51 -30.37 -13.84 0.98
N TYR B 52 -31.32 -13.45 1.84
N TYR B 52 -31.26 -13.41 1.84
CA TYR B 52 -31.46 -13.99 3.20
CA TYR B 52 -31.66 -14.23 2.98
C TYR B 52 -31.54 -15.52 3.23
C TYR B 52 -31.48 -15.72 2.77
N GLN B 53 -32.15 -16.14 2.20
N GLN B 53 -32.25 -16.26 1.85
CA GLN B 53 -32.30 -17.61 2.15
CA GLN B 53 -32.40 -17.70 1.75
C GLN B 53 -30.95 -18.27 1.83
C GLN B 53 -31.05 -18.36 1.52
N SER B 54 -30.08 -17.56 1.13
CA SER B 54 -28.75 -18.06 0.80
C SER B 54 -27.79 -18.09 1.99
N LEU B 55 -28.19 -17.48 3.10
CA LEU B 55 -27.30 -17.23 4.25
C LEU B 55 -27.68 -18.01 5.54
N ILE B 56 -28.67 -18.88 5.40
CA ILE B 56 -29.45 -19.49 6.47
C ILE B 56 -29.21 -20.98 6.74
N THR B 57 -28.77 -21.75 5.74
CA THR B 57 -28.43 -23.17 5.94
C THR B 57 -26.94 -23.36 5.64
N GLU B 58 -26.36 -24.44 6.15
CA GLU B 58 -24.93 -24.70 5.95
C GLU B 58 -24.64 -24.91 4.49
N GLU B 59 -25.52 -25.67 3.82
CA GLU B 59 -25.33 -25.95 2.41
C GLU B 59 -25.30 -24.63 1.62
N ASN B 60 -26.27 -23.76 1.89
CA ASN B 60 -26.35 -22.49 1.15
C ASN B 60 -25.16 -21.57 1.47
N ILE B 61 -24.68 -21.60 2.71
CA ILE B 61 -23.54 -20.79 3.07
C ILE B 61 -22.28 -21.30 2.35
N ILE B 62 -22.07 -22.63 2.32
CA ILE B 62 -20.97 -23.20 1.59
C ILE B 62 -21.02 -22.75 0.14
N ASN B 63 -22.17 -23.02 -0.48
CA ASN B 63 -22.27 -22.82 -1.91
C ASN B 63 -22.23 -21.35 -2.37
N ASN B 64 -22.75 -20.44 -1.52
CA ASN B 64 -22.93 -19.07 -1.91
C ASN B 64 -21.89 -18.15 -1.32
N VAL B 65 -21.51 -18.38 -0.07
CA VAL B 65 -20.50 -17.52 0.55
C VAL B 65 -19.08 -17.97 0.16
N GLY B 66 -18.88 -19.28 0.05
CA GLY B 66 -17.56 -19.84 -0.22
C GLY B 66 -16.84 -19.18 -1.40
N PRO B 67 -17.55 -19.05 -2.54
CA PRO B 67 -16.83 -18.47 -3.68
C PRO B 67 -16.36 -17.04 -3.42
N ILE B 68 -17.20 -16.28 -2.71
CA ILE B 68 -16.87 -14.90 -2.43
C ILE B 68 -15.61 -14.82 -1.56
N LEU B 69 -15.57 -15.67 -0.54
CA LEU B 69 -14.38 -15.67 0.31
C LEU B 69 -13.12 -15.95 -0.53
N LYS B 70 -13.23 -16.96 -1.42
CA LYS B 70 -12.08 -17.35 -2.22
C LYS B 70 -11.63 -16.27 -3.16
N TYR B 71 -12.58 -15.68 -3.89
CA TYR B 71 -12.18 -14.63 -4.81
C TYR B 71 -11.54 -13.45 -4.08
N TYR B 72 -12.16 -13.06 -2.97
CA TYR B 72 -11.59 -12.00 -2.14
C TYR B 72 -10.18 -12.36 -1.63
N ARG B 73 -10.01 -13.58 -1.11
CA ARG B 73 -8.69 -14.04 -0.64
C ARG B 73 -7.66 -13.83 -1.75
N HIS B 74 -7.95 -14.29 -2.96
CA HIS B 74 -7.03 -14.20 -4.06
C HIS B 74 -6.72 -12.74 -4.41
N SER B 75 -7.77 -11.89 -4.34
CA SER B 75 -7.58 -10.53 -4.80
C SER B 75 -6.48 -9.77 -4.03
N ILE B 76 -6.31 -10.10 -2.75
N ILE B 76 -6.28 -10.06 -2.75
CA ILE B 76 -5.34 -9.41 -1.92
CA ILE B 76 -5.19 -9.41 -2.03
C ILE B 76 -4.21 -10.34 -1.43
C ILE B 76 -4.08 -10.33 -1.55
N ASN B 77 -4.25 -11.63 -1.81
CA ASN B 77 -3.31 -12.62 -1.32
C ASN B 77 -3.36 -12.73 0.22
N ALA B 78 -4.56 -12.77 0.80
CA ALA B 78 -4.72 -13.01 2.23
C ALA B 78 -4.38 -14.44 2.55
N LEU B 79 -4.00 -14.69 3.80
CA LEU B 79 -3.69 -16.06 4.18
C LEU B 79 -4.91 -16.94 4.36
N ASN B 80 -5.91 -16.43 5.08
CA ASN B 80 -7.19 -17.09 5.31
C ASN B 80 -8.28 -16.04 5.24
N VAL B 81 -9.41 -16.39 4.65
CA VAL B 81 -10.63 -15.59 4.68
C VAL B 81 -11.78 -16.51 5.00
N TYR B 82 -12.58 -16.15 5.99
CA TYR B 82 -13.46 -17.13 6.60
C TYR B 82 -14.69 -16.55 7.22
N LEU B 83 -15.71 -17.39 7.45
CA LEU B 83 -16.94 -17.03 8.15
C LEU B 83 -17.16 -17.99 9.29
N GLY B 84 -17.08 -17.50 10.52
CA GLY B 84 -17.37 -18.32 11.68
C GLY B 84 -18.84 -18.25 12.05
N LEU B 85 -19.43 -19.39 12.38
CA LEU B 85 -20.85 -19.51 12.70
C LEU B 85 -21.10 -19.76 14.19
N ASN B 86 -22.30 -19.45 14.66
CA ASN B 86 -22.63 -19.62 16.08
C ASN B 86 -22.53 -21.06 16.54
N ASN B 87 -22.69 -22.02 15.63
CA ASN B 87 -22.56 -23.42 16.00
C ASN B 87 -21.11 -23.83 16.10
N GLY B 88 -20.20 -22.86 15.91
CA GLY B 88 -18.79 -23.13 16.05
C GLY B 88 -18.10 -23.56 14.78
N LYS B 89 -18.85 -23.80 13.71
CA LYS B 89 -18.18 -24.18 12.46
C LYS B 89 -17.62 -22.94 11.78
N VAL B 90 -16.62 -23.11 10.90
N VAL B 90 -16.61 -23.12 10.93
CA VAL B 90 -16.00 -22.02 10.14
CA VAL B 90 -16.09 -22.01 10.15
C VAL B 90 -15.98 -22.44 8.68
C VAL B 90 -15.95 -22.41 8.69
N LEU B 91 -16.52 -21.60 7.80
CA LEU B 91 -16.31 -21.76 6.38
C LEU B 91 -14.97 -21.11 6.03
N LEU B 92 -13.98 -21.92 5.65
CA LEU B 92 -12.62 -21.46 5.56
C LEU B 92 -12.05 -21.50 4.18
N SER B 93 -11.66 -20.35 3.65
CA SER B 93 -10.84 -20.26 2.44
C SER B 93 -9.41 -20.02 2.81
N GLN B 94 -8.53 -20.91 2.39
CA GLN B 94 -7.15 -20.84 2.86
C GLN B 94 -6.24 -21.03 1.74
N LYS B 95 -5.10 -20.36 1.88
CA LYS B 95 -4.05 -20.38 0.89
C LYS B 95 -3.62 -21.81 0.67
N SER B 96 -3.61 -22.17 -0.61
CA SER B 96 -3.14 -23.49 -1.10
C SER B 96 -4.10 -24.65 -0.80
N LYS B 100 -10.19 -27.48 -2.44
CA LYS B 100 -10.95 -27.52 -3.75
C LYS B 100 -11.91 -26.31 -3.85
N MET B 101 -12.86 -26.22 -2.92
CA MET B 101 -13.55 -24.97 -2.61
C MET B 101 -13.56 -24.85 -1.10
N PRO B 102 -13.88 -23.66 -0.56
CA PRO B 102 -13.94 -23.60 0.89
C PRO B 102 -14.89 -24.60 1.51
N GLU B 103 -14.46 -25.17 2.64
CA GLU B 103 -15.23 -26.20 3.38
C GLU B 103 -15.45 -25.73 4.82
N LEU B 104 -16.42 -26.35 5.48
CA LEU B 104 -16.67 -26.11 6.89
C LEU B 104 -15.67 -26.91 7.70
N ARG B 105 -15.07 -26.26 8.68
CA ARG B 105 -14.16 -26.86 9.65
C ARG B 105 -14.86 -26.77 11.00
N ASP B 106 -14.81 -27.86 11.76
CA ASP B 106 -15.47 -27.90 13.06
C ASP B 106 -14.55 -27.89 14.29
N ASP B 107 -13.25 -27.64 14.08
N ASP B 107 -13.24 -27.81 14.10
CA ASP B 107 -12.20 -27.98 15.08
CA ASP B 107 -12.32 -27.95 15.23
C ASP B 107 -11.44 -26.74 15.56
C ASP B 107 -11.37 -26.77 15.35
N LEU B 108 -11.90 -25.56 15.16
CA LEU B 108 -11.11 -24.36 15.34
C LEU B 108 -11.40 -23.55 16.60
N ASP B 109 -12.23 -24.10 17.48
CA ASP B 109 -12.49 -23.51 18.81
C ASP B 109 -12.79 -22.01 18.77
N ILE B 110 -13.70 -21.60 17.91
CA ILE B 110 -13.77 -20.18 17.60
C ILE B 110 -14.34 -19.34 18.76
N LYS B 111 -15.14 -19.92 19.65
CA LYS B 111 -15.58 -19.17 20.84
C LYS B 111 -14.49 -18.95 21.90
N THR B 112 -13.30 -19.49 21.66
CA THR B 112 -12.16 -19.16 22.54
C THR B 112 -11.42 -17.93 22.00
N LYS B 113 -11.89 -17.42 20.87
CA LYS B 113 -11.06 -16.53 20.11
C LYS B 113 -11.62 -15.12 20.21
N ASP B 114 -10.72 -14.18 20.47
CA ASP B 114 -11.07 -12.78 20.53
C ASP B 114 -11.63 -12.31 19.17
N TRP B 115 -11.08 -12.81 18.06
CA TRP B 115 -11.56 -12.29 16.78
C TRP B 115 -13.06 -12.53 16.66
N TYR B 116 -13.50 -13.64 17.20
CA TYR B 116 -14.89 -14.03 17.15
C TYR B 116 -15.73 -13.26 18.16
N GLN B 117 -15.33 -13.40 19.42
CA GLN B 117 -16.12 -12.83 20.46
C GLN B 117 -16.12 -11.31 20.44
N GLU B 118 -14.98 -10.70 20.14
CA GLU B 118 -14.93 -9.25 20.15
C GLU B 118 -15.70 -8.62 19.01
N ALA B 119 -15.80 -9.32 17.88
CA ALA B 119 -16.56 -8.76 16.76
C ALA B 119 -18.04 -8.71 17.08
N LEU B 120 -18.52 -9.63 17.92
CA LEU B 120 -19.95 -9.64 18.28
C LEU B 120 -20.32 -8.51 19.21
N LYS B 121 -19.32 -7.93 19.87
CA LYS B 121 -19.54 -6.91 20.88
C LYS B 121 -19.51 -5.50 20.31
N THR B 122 -19.13 -5.37 19.05
CA THR B 122 -18.96 -4.03 18.44
C THR B 122 -19.52 -4.07 17.02
N ASN B 123 -19.86 -2.94 16.43
CA ASN B 123 -20.19 -2.91 15.02
C ASN B 123 -18.96 -2.55 14.20
N ASP B 124 -17.83 -2.35 14.89
CA ASP B 124 -16.60 -2.01 14.21
C ASP B 124 -15.88 -3.26 13.77
N ILE B 125 -14.92 -3.07 12.88
CA ILE B 125 -13.90 -4.09 12.62
C ILE B 125 -13.07 -4.21 13.85
N PHE B 126 -12.85 -5.45 14.26
CA PHE B 126 -11.93 -5.76 15.34
C PHE B 126 -10.60 -6.11 14.68
N VAL B 127 -9.51 -5.64 15.27
CA VAL B 127 -8.18 -5.92 14.75
C VAL B 127 -7.44 -6.61 15.89
N THR B 128 -7.03 -7.84 15.68
CA THR B 128 -6.36 -8.56 16.74
C THR B 128 -4.90 -8.15 16.84
N PRO B 129 -4.30 -8.29 18.04
CA PRO B 129 -2.84 -8.38 18.07
C PRO B 129 -2.40 -9.57 17.25
N ALA B 130 -1.15 -9.58 16.82
CA ALA B 130 -0.69 -10.73 16.07
C ALA B 130 -0.76 -11.96 16.94
N TYR B 131 -1.03 -13.11 16.31
CA TYR B 131 -1.02 -14.36 16.99
C TYR B 131 -0.78 -15.49 15.98
N LEU B 132 -0.50 -16.68 16.50
CA LEU B 132 -0.20 -17.85 15.65
C LEU B 132 -1.50 -18.48 15.13
N ASP B 133 -1.76 -18.30 13.84
CA ASP B 133 -2.92 -18.89 13.22
C ASP B 133 -2.94 -20.40 13.46
N THR B 134 -4.10 -20.85 13.95
N THR B 134 -4.11 -20.95 13.79
CA THR B 134 -4.37 -22.22 14.36
CA THR B 134 -4.21 -22.39 13.93
C THR B 134 -4.10 -23.17 13.23
C THR B 134 -4.26 -23.16 12.60
N VAL B 135 -4.43 -22.75 12.02
N VAL B 135 -4.66 -22.53 11.49
CA VAL B 135 -4.39 -23.69 10.91
CA VAL B 135 -4.85 -23.29 10.23
C VAL B 135 -3.03 -23.65 10.20
C VAL B 135 -3.51 -23.57 9.55
N LEU B 136 -2.68 -22.54 9.49
CA LEU B 136 -1.45 -22.59 8.72
C LEU B 136 -0.18 -22.26 9.53
N LYS B 137 -0.35 -21.98 10.83
CA LYS B 137 0.80 -21.82 11.75
C LYS B 137 1.78 -20.77 11.19
N GLN B 138 1.21 -19.63 10.83
CA GLN B 138 1.91 -18.38 10.61
C GLN B 138 1.37 -17.34 11.56
N TYR B 139 2.19 -16.37 11.92
CA TYR B 139 1.71 -15.26 12.73
C TYR B 139 0.86 -14.32 11.86
N VAL B 140 -0.34 -14.02 12.33
CA VAL B 140 -1.29 -13.23 11.55
C VAL B 140 -1.87 -12.08 12.40
N ILE B 141 -2.29 -11.03 11.69
CA ILE B 141 -3.21 -10.05 12.21
C ILE B 141 -4.55 -10.38 11.60
N THR B 142 -5.60 -10.48 12.43
CA THR B 142 -6.92 -10.78 11.94
C THR B 142 -7.79 -9.52 12.03
N TYR B 143 -8.53 -9.28 10.93
CA TYR B 143 -9.59 -8.26 10.86
C TYR B 143 -10.89 -9.00 10.90
N SER B 144 -11.77 -8.74 11.84
CA SER B 144 -13.00 -9.46 11.93
C SER B 144 -14.18 -8.50 12.05
N LYS B 145 -15.32 -8.99 11.61
CA LYS B 145 -16.53 -8.19 11.53
C LYS B 145 -17.75 -9.06 11.61
N ALA B 146 -18.66 -8.75 12.53
CA ALA B 146 -19.93 -9.44 12.58
C ALA B 146 -20.77 -9.07 11.40
N ILE B 147 -21.33 -10.09 10.74
N ILE B 147 -21.24 -10.10 10.68
CA ILE B 147 -22.09 -9.86 9.49
CA ILE B 147 -22.13 -9.93 9.52
C ILE B 147 -23.55 -10.10 9.76
C ILE B 147 -23.57 -10.03 9.96
N TYR B 148 -24.35 -9.06 9.53
CA TYR B 148 -25.77 -9.09 9.73
C TYR B 148 -26.50 -9.10 8.39
N LYS B 149 -27.67 -9.74 8.41
CA LYS B 149 -28.58 -9.72 7.28
C LYS B 149 -29.96 -9.45 7.84
N ASP B 150 -30.57 -8.39 7.37
CA ASP B 150 -31.87 -7.95 7.87
C ASP B 150 -31.89 -7.89 9.39
N GLY B 151 -30.78 -7.41 9.94
CA GLY B 151 -30.62 -7.24 11.36
C GLY B 151 -30.24 -8.44 12.19
N LYS B 152 -30.09 -9.58 11.53
N LYS B 152 -30.07 -9.58 11.52
CA LYS B 152 -29.84 -10.83 12.23
CA LYS B 152 -29.83 -10.84 12.21
C LYS B 152 -28.43 -11.32 11.96
C LYS B 152 -28.41 -11.30 11.96
N ILE B 153 -27.75 -11.78 13.00
CA ILE B 153 -26.39 -12.23 12.88
C ILE B 153 -26.33 -13.47 12.01
N ILE B 154 -25.44 -13.41 11.01
CA ILE B 154 -25.12 -14.55 10.15
C ILE B 154 -23.87 -15.29 10.65
N GLY B 155 -22.88 -14.52 11.08
CA GLY B 155 -21.61 -15.07 11.50
C GLY B 155 -20.63 -13.94 11.65
N VAL B 156 -19.39 -14.33 11.92
CA VAL B 156 -18.32 -13.39 12.02
C VAL B 156 -17.31 -13.64 10.93
N LEU B 157 -17.13 -12.64 10.09
CA LEU B 157 -16.15 -12.66 9.02
C LEU B 157 -14.78 -12.44 9.59
N GLY B 158 -13.80 -13.19 9.14
CA GLY B 158 -12.41 -12.99 9.48
C GLY B 158 -11.50 -12.94 8.27
N VAL B 159 -10.49 -12.10 8.33
CA VAL B 159 -9.48 -12.00 7.30
C VAL B 159 -8.11 -12.01 7.99
N ASP B 160 -7.28 -12.99 7.66
CA ASP B 160 -5.94 -13.09 8.23
C ASP B 160 -4.89 -12.63 7.26
N ILE B 161 -4.10 -11.65 7.68
CA ILE B 161 -2.96 -11.17 6.93
C ILE B 161 -1.70 -11.47 7.72
N PRO B 162 -0.73 -12.16 7.10
CA PRO B 162 0.48 -12.45 7.88
C PRO B 162 1.09 -11.18 8.46
N SER B 163 1.47 -11.20 9.75
CA SER B 163 2.18 -10.09 10.31
C SER B 163 3.51 -9.82 9.62
N GLU B 164 4.08 -10.84 8.99
CA GLU B 164 5.27 -10.70 8.15
C GLU B 164 5.08 -9.70 7.01
N ASP B 165 3.84 -9.58 6.50
CA ASP B 165 3.62 -8.59 5.47
C ASP B 165 3.91 -7.18 6.00
N LEU B 166 3.45 -6.89 7.20
CA LEU B 166 3.73 -5.58 7.81
C LEU B 166 5.23 -5.42 8.16
N GLN B 167 5.88 -6.47 8.66
N GLN B 167 5.81 -6.49 8.68
CA GLN B 167 7.33 -6.42 8.82
CA GLN B 167 7.23 -6.52 8.90
C GLN B 167 8.01 -6.02 7.55
C GLN B 167 8.06 -6.20 7.64
N ASN B 168 7.66 -6.76 6.49
CA ASN B 168 8.36 -6.52 5.24
C ASN B 168 8.15 -5.07 4.74
N LEU B 169 6.94 -4.54 4.93
CA LEU B 169 6.70 -3.13 4.57
C LEU B 169 7.59 -2.20 5.41
N VAL B 170 7.62 -2.40 6.71
CA VAL B 170 8.44 -1.56 7.58
C VAL B 170 9.91 -1.71 7.19
N ALA B 171 10.39 -2.93 6.96
CA ALA B 171 11.81 -3.11 6.67
C ALA B 171 12.27 -2.39 5.43
N LYS B 172 11.36 -2.17 4.49
CA LYS B 172 11.71 -1.46 3.26
C LYS B 172 11.80 0.06 3.42
N THR B 173 11.25 0.59 4.50
CA THR B 173 11.27 2.04 4.69
C THR B 173 12.67 2.58 4.93
N PRO B 174 12.91 3.84 4.54
CA PRO B 174 14.19 4.48 4.93
C PRO B 174 14.28 4.67 6.45
N GLY B 175 15.50 4.87 6.89
CA GLY B 175 15.76 5.16 8.27
C GLY B 175 15.80 3.91 9.15
N ASN B 176 16.50 4.06 10.27
CA ASN B 176 16.58 3.00 11.26
C ASN B 176 15.34 2.94 12.13
N THR B 177 14.24 2.59 11.49
CA THR B 177 12.93 2.59 12.11
C THR B 177 12.51 1.18 12.52
N PHE B 178 11.66 1.11 13.54
CA PHE B 178 11.24 -0.13 14.12
C PHE B 178 9.91 0.03 14.84
N LEU B 179 9.17 -1.08 15.01
N LEU B 179 9.32 -1.10 15.23
CA LEU B 179 7.94 -1.10 15.77
CA LEU B 179 7.96 -1.12 15.68
C LEU B 179 8.01 -2.03 16.93
C LEU B 179 7.82 -2.11 16.83
N PHE B 180 7.28 -1.65 17.97
CA PHE B 180 6.93 -2.51 19.08
C PHE B 180 5.44 -2.77 19.08
N ASP B 181 5.06 -3.95 19.57
CA ASP B 181 3.66 -4.28 19.71
C ASP B 181 3.08 -3.71 21.00
N GLN B 182 1.83 -4.04 21.22
N GLN B 182 1.80 -4.00 21.26
CA GLN B 182 1.09 -3.51 22.35
CA GLN B 182 1.11 -3.46 22.43
C GLN B 182 1.57 -4.01 23.72
C GLN B 182 1.78 -3.86 23.74
N LYS B 183 2.47 -5.00 23.73
CA LYS B 183 3.13 -5.48 24.92
C LYS B 183 4.57 -5.00 25.04
N ASN B 184 4.91 -4.03 24.19
CA ASN B 184 6.24 -3.45 24.17
C ASN B 184 7.29 -4.47 23.83
N LYS B 185 6.88 -5.41 22.97
CA LYS B 185 7.84 -6.36 22.39
C LYS B 185 8.19 -5.97 20.96
N ILE B 186 9.45 -6.14 20.58
CA ILE B 186 9.86 -5.75 19.25
C ILE B 186 9.07 -6.62 18.23
N PHE B 187 8.62 -5.95 17.19
CA PHE B 187 7.64 -6.50 16.25
C PHE B 187 8.13 -6.40 14.80
N ALA B 188 8.74 -5.28 14.40
CA ALA B 188 9.26 -5.11 13.03
C ALA B 188 10.48 -4.21 13.08
N ALA B 189 11.35 -4.29 12.09
CA ALA B 189 12.54 -3.41 12.08
C ALA B 189 13.14 -3.40 10.69
N THR B 190 13.65 -2.24 10.28
CA THR B 190 14.51 -2.13 9.12
C THR B 190 15.76 -2.94 9.32
N ASN B 191 16.39 -2.73 10.46
CA ASN B 191 17.59 -3.52 10.80
C ASN B 191 17.08 -4.79 11.46
N LYS B 192 17.06 -5.90 10.71
CA LYS B 192 16.47 -7.12 11.24
C LYS B 192 17.19 -7.66 12.46
N GLU B 193 18.43 -7.20 12.70
CA GLU B 193 19.08 -7.59 13.96
C GLU B 193 18.29 -7.17 15.20
N LEU B 194 17.58 -6.06 15.13
CA LEU B 194 16.79 -5.62 16.25
C LEU B 194 15.71 -6.57 16.67
N LEU B 195 15.30 -7.50 15.77
CA LEU B 195 14.30 -8.49 16.14
C LEU B 195 14.79 -9.60 17.04
N ASN B 196 16.11 -9.71 17.16
CA ASN B 196 16.66 -10.82 17.92
C ASN B 196 16.30 -10.61 19.40
N PRO B 197 15.94 -11.68 20.10
CA PRO B 197 15.48 -11.48 21.49
C PRO B 197 16.60 -11.05 22.44
N SER B 198 17.85 -11.24 22.04
CA SER B 198 18.98 -10.86 22.89
C SER B 198 19.24 -9.34 22.88
N ILE B 199 18.57 -8.59 22.01
CA ILE B 199 18.67 -7.15 21.99
C ILE B 199 17.84 -6.58 23.13
N ASP B 200 18.48 -5.72 23.92
CA ASP B 200 17.82 -5.05 25.04
C ASP B 200 17.20 -3.75 24.57
N HIS B 201 15.87 -3.77 24.42
CA HIS B 201 15.11 -2.56 24.07
C HIS B 201 14.63 -1.74 25.25
N SER B 202 15.00 -2.14 26.47
N SER B 202 14.99 -2.15 26.46
CA SER B 202 14.55 -1.39 27.63
CA SER B 202 14.52 -1.37 27.62
C SER B 202 15.08 0.05 27.64
C SER B 202 15.07 0.06 27.64
N PRO B 203 16.34 0.28 27.22
CA PRO B 203 16.79 1.68 27.24
C PRO B 203 15.98 2.61 26.36
N VAL B 204 15.68 2.18 25.13
CA VAL B 204 14.88 3.03 24.23
C VAL B 204 13.46 3.22 24.75
N LEU B 205 12.85 2.14 25.21
CA LEU B 205 11.48 2.20 25.74
C LEU B 205 11.38 3.09 26.97
N ASN B 206 12.30 2.90 27.90
CA ASN B 206 12.33 3.74 29.11
C ASN B 206 12.50 5.21 28.81
N ALA B 207 13.34 5.53 27.84
CA ALA B 207 13.52 6.94 27.45
C ALA B 207 12.26 7.48 26.77
N TYR B 208 11.65 6.69 25.90
CA TYR B 208 10.38 7.11 25.29
C TYR B 208 9.31 7.39 26.35
N LYS B 209 9.21 6.56 27.38
CA LYS B 209 8.24 6.78 28.42
C LYS B 209 8.37 8.18 29.07
N LEU B 210 9.61 8.68 29.17
CA LEU B 210 9.80 9.98 29.77
C LEU B 210 9.40 11.14 28.83
N ASN B 211 9.35 10.88 27.52
CA ASN B 211 9.37 11.91 26.52
C ASN B 211 8.11 12.17 25.74
N GLY B 212 7.32 11.13 25.56
CA GLY B 212 6.25 11.32 24.62
C GLY B 212 6.49 11.53 23.14
N ASP B 213 5.39 11.57 22.41
CA ASP B 213 5.46 11.28 20.99
C ASP B 213 6.21 12.32 20.18
N ASN B 214 7.12 11.81 19.34
N ASN B 214 7.12 11.82 19.34
CA ASN B 214 7.89 12.62 18.41
CA ASN B 214 7.95 12.62 18.43
C ASN B 214 8.81 13.63 19.09
C ASN B 214 9.02 13.48 19.05
N ASN B 215 9.16 13.36 20.36
CA ASN B 215 10.14 14.18 21.06
C ASN B 215 11.47 13.40 21.14
N PHE B 216 12.54 14.03 20.70
CA PHE B 216 13.85 13.40 20.73
C PHE B 216 14.47 13.27 22.09
N PHE B 217 15.06 12.12 22.30
CA PHE B 217 15.66 11.76 23.59
C PHE B 217 17.01 11.10 23.40
N SER B 218 17.92 11.26 24.37
N SER B 218 17.85 11.23 24.42
CA SER B 218 19.15 10.49 24.43
CA SER B 218 19.11 10.53 24.53
C SER B 218 18.92 9.23 25.28
C SER B 218 18.91 9.21 25.29
N TYR B 219 19.62 8.17 24.88
CA TYR B 219 19.66 6.93 25.66
C TYR B 219 21.00 6.26 25.36
N LYS B 220 21.30 5.24 26.16
CA LYS B 220 22.54 4.49 25.96
C LYS B 220 22.24 3.00 25.90
N LEU B 221 22.94 2.31 25.01
CA LEU B 221 22.96 0.84 25.03
C LEU B 221 24.37 0.31 24.77
N ASN B 222 24.85 -0.63 25.59
CA ASN B 222 26.21 -1.16 25.42
C ASN B 222 27.25 -0.02 25.44
N ASN B 223 27.02 0.97 26.27
CA ASN B 223 27.91 2.14 26.35
C ASN B 223 27.99 3.07 25.15
N GLU B 224 27.09 2.89 24.20
CA GLU B 224 26.96 3.78 23.04
C GLU B 224 25.82 4.76 23.29
N GLU B 225 26.16 6.04 23.21
CA GLU B 225 25.17 7.11 23.24
C GLU B 225 24.40 7.12 21.89
N ARG B 226 23.07 7.22 21.99
CA ARG B 226 22.17 7.24 20.85
C ARG B 226 21.09 8.32 21.07
N LEU B 227 20.41 8.65 19.97
CA LEU B 227 19.32 9.59 19.97
C LEU B 227 18.14 8.89 19.33
N GLY B 228 16.98 9.07 19.92
CA GLY B 228 15.78 8.43 19.40
C GLY B 228 14.53 9.26 19.56
N ALA B 229 13.49 8.90 18.80
CA ALA B 229 12.15 9.40 19.01
C ALA B 229 11.19 8.28 18.71
N CYS B 230 10.07 8.24 19.42
CA CYS B 230 9.04 7.27 19.14
C CYS B 230 7.69 7.94 19.15
N THR B 231 6.72 7.25 18.58
CA THR B 231 5.33 7.68 18.57
C THR B 231 4.38 6.50 18.62
N LYS B 232 3.20 6.69 19.19
CA LYS B 232 2.18 5.69 19.18
C LYS B 232 1.56 5.73 17.80
N VAL B 233 1.30 4.53 17.30
CA VAL B 233 0.51 4.33 16.06
C VAL B 233 -0.45 3.17 16.32
N PHE B 234 -1.73 3.50 16.52
N PHE B 234 -1.71 3.53 16.55
CA PHE B 234 -2.66 2.54 17.12
CA PHE B 234 -2.66 2.63 17.18
C PHE B 234 -2.08 2.00 18.44
C PHE B 234 -2.00 2.00 18.43
N ALA B 235 -2.00 0.68 18.58
CA ALA B 235 -1.41 0.07 19.79
C ALA B 235 0.07 -0.18 19.67
N TYR B 236 0.62 0.08 18.49
CA TYR B 236 2.07 -0.05 18.26
C TYR B 236 2.81 1.17 18.73
N THR B 237 4.11 0.99 18.97
CA THR B 237 5.04 2.10 19.15
C THR B 237 6.08 2.07 18.04
N ALA B 238 6.14 3.14 17.26
CA ALA B 238 7.10 3.30 16.18
C ALA B 238 8.26 4.14 16.67
N CYS B 239 9.49 3.71 16.37
CA CYS B 239 10.67 4.46 16.77
C CYS B 239 11.65 4.63 15.64
N ILE B 240 12.49 5.65 15.74
CA ILE B 240 13.71 5.80 14.99
C ILE B 240 14.83 6.09 15.95
N THR B 241 16.01 5.55 15.66
CA THR B 241 17.18 5.89 16.47
C THR B 241 18.41 6.01 15.59
N GLU B 242 19.39 6.71 16.13
N GLU B 242 19.42 6.72 16.09
CA GLU B 242 20.68 6.83 15.48
CA GLU B 242 20.73 6.82 15.46
C GLU B 242 21.76 6.99 16.54
C GLU B 242 21.80 6.94 16.54
N SER B 243 22.97 6.57 16.19
N SER B 243 23.02 6.53 16.22
N SER B 243 23.02 6.54 16.19
CA SER B 243 24.13 6.83 17.00
CA SER B 243 24.11 6.77 17.16
CA SER B 243 24.21 6.80 16.99
C SER B 243 24.35 8.32 17.20
C SER B 243 24.41 8.26 17.22
C SER B 243 24.41 8.30 17.19
N ALA B 244 24.74 8.70 18.42
CA ALA B 244 25.10 10.09 18.66
C ALA B 244 26.24 10.54 17.76
N ASP B 245 27.15 9.61 17.46
CA ASP B 245 28.30 9.91 16.59
C ASP B 245 27.97 9.97 15.10
N ILE B 246 26.72 9.66 14.75
N ILE B 246 26.73 9.63 14.75
CA ILE B 246 26.25 9.90 13.39
CA ILE B 246 26.24 9.90 13.39
C ILE B 246 25.38 11.15 13.31
C ILE B 246 25.48 11.22 13.37
N ILE B 247 24.62 11.41 14.37
CA ILE B 247 23.94 12.71 14.50
C ILE B 247 24.91 13.89 14.56
N ASN B 248 26.00 13.72 15.32
CA ASN B 248 27.07 14.68 15.43
C ASN B 248 28.39 14.00 15.14
N LYS B 249 28.79 13.98 13.88
N LYS B 249 28.82 14.01 13.89
CA LYS B 249 29.97 13.22 13.46
CA LYS B 249 29.98 13.22 13.45
C LYS B 249 31.21 13.89 14.06
C LYS B 249 31.25 13.87 14.00
N PRO B 250 32.00 13.14 14.84
CA PRO B 250 33.12 13.78 15.48
C PRO B 250 34.27 13.99 14.49
N ILE B 251 35.01 15.07 14.66
N ILE B 251 35.02 15.08 14.68
CA ILE B 251 36.19 15.28 13.86
CA ILE B 251 36.20 15.31 13.86
C ILE B 251 37.25 14.24 14.12
C ILE B 251 37.30 14.29 14.14
N TYR B 252 37.34 13.80 15.38
CA TYR B 252 38.26 12.71 15.78
C TYR B 252 37.47 11.56 16.36
N LYS B 253 37.43 10.47 15.61
N LYS B 253 37.63 10.40 15.74
CA LYS B 253 36.63 9.34 16.03
CA LYS B 253 36.88 9.20 16.06
C LYS B 253 37.29 8.68 17.22
C LYS B 253 37.35 8.58 17.36
N ALA B 254 36.45 8.09 18.06
N ALA B 254 36.45 8.03 18.15
CA ALA B 254 36.91 7.50 19.31
CA ALA B 254 36.82 7.39 19.41
C ALA B 254 37.74 6.24 19.07
C ALA B 254 38.02 6.46 19.21
#